data_1LD6
#
_entry.id   1LD6
#
_entity_poly.entity_id   1
_entity_poly.type   'polypeptide(L)'
_entity_poly.pdbx_seq_one_letter_code
;RPDFCLEPPYAGACRAAAARYFYNAKAGLCQTFAYGACAAKRNNFKSAEDCLRTCGGA
;
_entity_poly.pdbx_strand_id   A
#
# COMPACT_ATOMS: atom_id res chain seq x y z
N ARG A 1 8.67 11.86 -2.23
CA ARG A 1 7.62 10.93 -1.73
C ARG A 1 7.76 10.68 -0.23
N PRO A 2 6.63 10.56 0.49
CA PRO A 2 6.65 10.32 1.95
C PRO A 2 7.42 9.05 2.31
N ASP A 3 8.25 9.15 3.35
CA ASP A 3 9.05 8.02 3.81
C ASP A 3 8.23 6.73 3.91
N PHE A 4 7.20 6.76 4.75
CA PHE A 4 6.35 5.60 4.95
C PHE A 4 5.85 5.00 3.64
N CYS A 5 5.67 5.84 2.62
CA CYS A 5 5.19 5.37 1.33
C CYS A 5 6.14 4.32 0.76
N LEU A 6 7.38 4.32 1.24
CA LEU A 6 8.38 3.38 0.79
C LEU A 6 8.24 2.04 1.50
N GLU A 7 7.43 2.00 2.56
CA GLU A 7 7.21 0.77 3.32
C GLU A 7 6.37 -0.24 2.53
N PRO A 8 6.97 -1.39 2.17
CA PRO A 8 6.26 -2.43 1.43
C PRO A 8 5.54 -3.40 2.37
N PRO A 9 4.52 -4.11 1.87
CA PRO A 9 3.77 -5.08 2.67
C PRO A 9 4.52 -6.39 2.86
N TYR A 10 4.39 -6.97 4.05
CA TYR A 10 5.06 -8.23 4.35
C TYR A 10 4.19 -9.42 3.94
N ALA A 11 4.80 -10.35 3.21
CA ALA A 11 4.09 -11.54 2.74
C ALA A 11 4.34 -12.74 3.65
N GLY A 12 3.46 -12.94 4.61
CA GLY A 12 3.60 -14.05 5.54
C GLY A 12 2.44 -15.01 5.46
N ALA A 13 1.46 -14.85 6.35
CA ALA A 13 0.30 -15.69 6.37
C ALA A 13 -0.84 -15.04 7.15
N CYS A 14 -1.77 -14.41 6.42
CA CYS A 14 -2.91 -13.75 7.05
C CYS A 14 -3.98 -13.43 6.01
N ARG A 15 -5.21 -13.81 6.30
CA ARG A 15 -6.33 -13.57 5.38
C ARG A 15 -6.83 -12.13 5.52
N ALA A 16 -6.91 -11.44 4.40
CA ALA A 16 -7.38 -10.05 4.39
C ALA A 16 -7.70 -9.59 2.97
N ALA A 17 -8.68 -8.71 2.85
CA ALA A 17 -9.09 -8.19 1.56
C ALA A 17 -9.89 -6.91 1.72
N ALA A 18 -9.42 -6.04 2.59
CA ALA A 18 -10.08 -4.76 2.84
C ALA A 18 -9.90 -3.82 1.65
N ALA A 19 -10.74 -2.80 1.58
CA ALA A 19 -10.67 -1.82 0.49
C ALA A 19 -9.55 -0.80 0.74
N ARG A 20 -8.38 -1.28 1.15
CA ARG A 20 -7.25 -0.41 1.41
C ARG A 20 -6.25 -0.43 0.27
N TYR A 21 -5.36 0.55 0.24
CA TYR A 21 -4.34 0.64 -0.80
C TYR A 21 -2.99 1.01 -0.22
N PHE A 22 -1.92 0.66 -0.93
CA PHE A 22 -0.57 0.99 -0.48
C PHE A 22 0.32 1.32 -1.67
N TYR A 23 1.42 2.02 -1.40
CA TYR A 23 2.34 2.43 -2.47
C TYR A 23 3.37 1.34 -2.76
N ASN A 24 3.76 1.22 -4.03
CA ASN A 24 4.75 0.25 -4.45
C ASN A 24 5.99 0.98 -4.96
N ALA A 25 6.91 1.28 -4.05
CA ALA A 25 8.14 1.99 -4.40
C ALA A 25 8.87 1.30 -5.56
N LYS A 26 8.62 0.01 -5.73
CA LYS A 26 9.26 -0.75 -6.81
C LYS A 26 8.46 -0.70 -8.11
N ALA A 27 7.31 -0.01 -8.10
CA ALA A 27 6.49 0.08 -9.31
C ALA A 27 5.86 1.47 -9.50
N GLY A 28 6.09 2.38 -8.56
CA GLY A 28 5.55 3.72 -8.66
C GLY A 28 4.04 3.80 -8.54
N LEU A 29 3.38 2.66 -8.44
CA LEU A 29 1.93 2.62 -8.34
C LEU A 29 1.48 1.99 -7.01
N CYS A 30 0.18 2.05 -6.74
CA CYS A 30 -0.35 1.48 -5.51
C CYS A 30 -1.00 0.13 -5.77
N GLN A 31 -1.48 -0.49 -4.69
CA GLN A 31 -2.12 -1.79 -4.78
C GLN A 31 -3.19 -1.96 -3.70
N THR A 32 -4.32 -2.54 -4.08
CA THR A 32 -5.41 -2.79 -3.14
C THR A 32 -5.19 -4.08 -2.35
N PHE A 33 -3.93 -4.40 -2.11
CA PHE A 33 -3.56 -5.62 -1.37
C PHE A 33 -3.95 -6.88 -2.15
N ALA A 34 -3.31 -7.99 -1.80
CA ALA A 34 -3.56 -9.27 -2.46
C ALA A 34 -2.95 -10.41 -1.66
N TYR A 35 -3.23 -11.65 -2.07
CA TYR A 35 -2.69 -12.82 -1.38
C TYR A 35 -2.78 -12.64 0.13
N GLY A 36 -2.07 -13.48 0.83
CA GLY A 36 -2.05 -13.42 2.28
C GLY A 36 -1.30 -12.22 2.82
N ALA A 37 -1.13 -11.18 2.00
CA ALA A 37 -0.41 -9.98 2.43
C ALA A 37 -1.15 -9.27 3.55
N CYS A 38 -0.43 -8.95 4.61
CA CYS A 38 -1.02 -8.26 5.76
C CYS A 38 -1.07 -6.75 5.53
N ALA A 39 -2.01 -6.09 6.19
CA ALA A 39 -2.16 -4.64 6.08
C ALA A 39 -1.00 -3.92 6.74
N ALA A 40 -0.43 -2.95 6.04
CA ALA A 40 0.71 -2.18 6.56
C ALA A 40 0.24 -1.08 7.51
N LYS A 41 1.08 -0.73 8.47
CA LYS A 41 0.74 0.32 9.44
C LYS A 41 0.56 1.66 8.75
N ARG A 42 1.65 2.19 8.18
CA ARG A 42 1.62 3.47 7.50
C ARG A 42 1.17 3.32 6.05
N ASN A 43 1.69 2.29 5.38
CA ASN A 43 1.38 2.07 3.98
C ASN A 43 -0.03 1.51 3.83
N ASN A 44 -1.01 2.35 4.10
CA ASN A 44 -2.41 1.96 4.00
C ASN A 44 -3.32 3.17 3.79
N PHE A 45 -3.82 3.33 2.56
CA PHE A 45 -4.71 4.44 2.24
C PHE A 45 -6.13 3.95 2.03
N LYS A 46 -7.10 4.74 2.47
CA LYS A 46 -8.51 4.39 2.34
C LYS A 46 -8.92 4.29 0.88
N SER A 47 -8.10 4.85 -0.01
CA SER A 47 -8.38 4.81 -1.44
C SER A 47 -7.10 4.93 -2.26
N ALA A 48 -7.10 4.29 -3.42
CA ALA A 48 -5.94 4.33 -4.29
C ALA A 48 -5.65 5.77 -4.68
N GLU A 49 -6.70 6.54 -4.90
CA GLU A 49 -6.55 7.94 -5.22
C GLU A 49 -5.82 8.62 -4.08
N ASP A 50 -6.16 8.21 -2.86
CA ASP A 50 -5.51 8.74 -1.67
C ASP A 50 -4.04 8.36 -1.65
N CYS A 51 -3.73 7.09 -1.95
CA CYS A 51 -2.35 6.64 -1.97
C CYS A 51 -1.56 7.43 -3.03
N LEU A 52 -2.06 7.41 -4.25
CA LEU A 52 -1.41 8.14 -5.35
C LEU A 52 -1.25 9.62 -5.02
N ARG A 53 -2.25 10.19 -4.36
CA ARG A 53 -2.19 11.62 -4.00
C ARG A 53 -1.00 11.90 -3.10
N THR A 54 -0.91 11.16 -2.00
CA THR A 54 0.18 11.33 -1.04
C THR A 54 1.47 10.67 -1.52
N CYS A 55 1.39 9.37 -1.79
CA CYS A 55 2.56 8.61 -2.23
C CYS A 55 2.91 8.87 -3.68
N GLY A 56 1.90 8.95 -4.53
CA GLY A 56 2.14 9.20 -5.95
C GLY A 56 2.30 10.68 -6.25
N GLY A 57 1.95 11.07 -7.47
CA GLY A 57 2.06 12.47 -7.86
C GLY A 57 2.64 12.64 -9.25
N ALA A 58 3.81 12.05 -9.48
CA ALA A 58 4.47 12.14 -10.78
C ALA A 58 3.81 11.22 -11.80
N ARG A 1 8.30 13.31 -2.12
CA ARG A 1 8.06 11.87 -1.93
C ARG A 1 8.09 11.48 -0.45
N PRO A 2 6.92 11.14 0.13
CA PRO A 2 6.84 10.76 1.54
C PRO A 2 7.62 9.48 1.83
N ASP A 3 8.45 9.53 2.88
CA ASP A 3 9.29 8.41 3.27
C ASP A 3 8.53 7.09 3.38
N PHE A 4 7.43 7.09 4.13
CA PHE A 4 6.65 5.87 4.33
C PHE A 4 6.31 5.18 3.01
N CYS A 5 6.28 5.95 1.93
CA CYS A 5 5.97 5.40 0.61
C CYS A 5 6.99 4.34 0.22
N LEU A 6 8.14 4.36 0.88
CA LEU A 6 9.19 3.40 0.61
C LEU A 6 8.97 2.09 1.37
N GLU A 7 8.02 2.11 2.31
CA GLU A 7 7.71 0.91 3.10
C GLU A 7 6.99 -0.14 2.26
N PRO A 8 7.58 -1.33 2.11
CA PRO A 8 6.97 -2.42 1.34
C PRO A 8 6.05 -3.28 2.20
N PRO A 9 5.03 -3.90 1.58
CA PRO A 9 4.09 -4.76 2.30
C PRO A 9 4.69 -6.11 2.65
N TYR A 10 3.85 -7.00 3.16
CA TYR A 10 4.29 -8.34 3.54
C TYR A 10 3.16 -9.35 3.44
N ALA A 11 3.51 -10.62 3.29
CA ALA A 11 2.51 -11.67 3.18
C ALA A 11 2.40 -12.46 4.47
N GLY A 12 1.76 -11.86 5.48
CA GLY A 12 1.60 -12.51 6.75
C GLY A 12 0.35 -13.37 6.81
N ALA A 13 -0.04 -13.74 8.02
CA ALA A 13 -1.21 -14.57 8.23
C ALA A 13 -2.50 -13.75 8.17
N CYS A 14 -2.92 -13.41 6.95
CA CYS A 14 -4.15 -12.63 6.75
C CYS A 14 -4.69 -12.84 5.34
N ARG A 15 -5.88 -13.41 5.26
CA ARG A 15 -6.52 -13.69 3.98
C ARG A 15 -7.32 -12.50 3.46
N ALA A 16 -6.97 -11.30 3.92
CA ALA A 16 -7.66 -10.09 3.48
C ALA A 16 -7.22 -9.69 2.09
N ALA A 17 -8.17 -9.20 1.29
CA ALA A 17 -7.88 -8.76 -0.06
C ALA A 17 -8.96 -7.83 -0.58
N ALA A 18 -9.41 -6.95 0.28
CA ALA A 18 -10.45 -5.98 -0.06
C ALA A 18 -10.69 -5.03 1.11
N ALA A 19 -9.83 -4.02 1.24
CA ALA A 19 -9.97 -3.06 2.33
C ALA A 19 -9.16 -1.80 2.10
N ARG A 20 -7.85 -1.95 1.86
CA ARG A 20 -6.99 -0.80 1.64
C ARG A 20 -5.95 -1.05 0.54
N TYR A 21 -5.09 -0.07 0.32
CA TYR A 21 -4.05 -0.16 -0.70
C TYR A 21 -2.68 0.20 -0.12
N PHE A 22 -1.65 0.06 -0.94
CA PHE A 22 -0.28 0.40 -0.54
C PHE A 22 0.51 0.93 -1.72
N TYR A 23 1.45 1.79 -1.45
CA TYR A 23 2.28 2.36 -2.52
C TYR A 23 3.46 1.46 -2.82
N ASN A 24 3.69 1.24 -4.11
CA ASN A 24 4.79 0.39 -4.56
C ASN A 24 5.94 1.25 -5.11
N ALA A 25 6.88 1.59 -4.25
CA ALA A 25 8.03 2.41 -4.65
C ALA A 25 8.74 1.80 -5.86
N LYS A 26 8.66 0.48 -5.98
CA LYS A 26 9.29 -0.23 -7.09
C LYS A 26 8.44 -0.19 -8.36
N ALA A 27 7.27 0.44 -8.29
CA ALA A 27 6.38 0.52 -9.45
C ALA A 27 5.72 1.89 -9.60
N GLY A 28 5.97 2.79 -8.64
CA GLY A 28 5.41 4.11 -8.70
C GLY A 28 3.90 4.17 -8.52
N LEU A 29 3.26 3.01 -8.43
CA LEU A 29 1.81 2.96 -8.26
C LEU A 29 1.42 2.17 -7.02
N CYS A 30 0.15 2.23 -6.66
CA CYS A 30 -0.36 1.51 -5.50
C CYS A 30 -1.09 0.24 -5.93
N GLN A 31 -1.33 -0.63 -4.96
CA GLN A 31 -2.03 -1.89 -5.22
C GLN A 31 -2.82 -2.33 -3.99
N THR A 32 -3.91 -3.06 -4.22
CA THR A 32 -4.72 -3.56 -3.13
C THR A 32 -4.05 -4.79 -2.50
N PHE A 33 -4.07 -4.85 -1.18
CA PHE A 33 -3.47 -5.97 -0.45
C PHE A 33 -3.88 -7.30 -1.07
N ALA A 34 -2.94 -7.94 -1.77
CA ALA A 34 -3.20 -9.22 -2.42
C ALA A 34 -3.25 -10.34 -1.38
N TYR A 35 -3.40 -11.57 -1.86
CA TYR A 35 -3.46 -12.74 -0.98
C TYR A 35 -2.39 -12.67 0.11
N GLY A 36 -2.77 -13.07 1.32
CA GLY A 36 -1.85 -13.06 2.44
C GLY A 36 -1.27 -11.70 2.77
N ALA A 37 -1.50 -10.69 1.92
CA ALA A 37 -0.99 -9.36 2.15
C ALA A 37 -1.71 -8.67 3.30
N CYS A 38 -1.06 -8.56 4.46
CA CYS A 38 -1.67 -7.91 5.61
C CYS A 38 -1.39 -6.42 5.61
N ALA A 39 -2.03 -5.69 6.52
CA ALA A 39 -1.86 -4.25 6.63
C ALA A 39 -0.49 -3.88 7.17
N ALA A 40 0.09 -2.82 6.63
CA ALA A 40 1.40 -2.35 7.06
C ALA A 40 1.26 -1.20 8.07
N LYS A 41 2.38 -0.76 8.61
CA LYS A 41 2.39 0.32 9.60
C LYS A 41 1.88 1.62 8.99
N ARG A 42 2.74 2.31 8.24
CA ARG A 42 2.39 3.60 7.64
C ARG A 42 1.78 3.42 6.25
N ASN A 43 2.25 2.43 5.51
CA ASN A 43 1.78 2.21 4.15
C ASN A 43 0.39 1.60 4.14
N ASN A 44 -0.62 2.44 4.34
CA ASN A 44 -2.01 1.98 4.37
C ASN A 44 -2.98 3.11 4.07
N PHE A 45 -3.42 3.21 2.81
CA PHE A 45 -4.37 4.25 2.42
C PHE A 45 -5.75 3.65 2.23
N LYS A 46 -6.78 4.37 2.66
CA LYS A 46 -8.16 3.90 2.56
C LYS A 46 -8.57 3.64 1.11
N SER A 47 -7.81 4.21 0.18
CA SER A 47 -8.12 4.04 -1.24
C SER A 47 -6.90 4.31 -2.10
N ALA A 48 -6.82 3.66 -3.25
CA ALA A 48 -5.70 3.86 -4.16
C ALA A 48 -5.61 5.33 -4.53
N GLU A 49 -6.76 5.96 -4.70
CA GLU A 49 -6.79 7.38 -5.02
C GLU A 49 -6.16 8.12 -3.85
N ASP A 50 -6.45 7.64 -2.65
CA ASP A 50 -5.89 8.22 -1.44
C ASP A 50 -4.37 8.03 -1.41
N CYS A 51 -3.92 6.81 -1.75
CA CYS A 51 -2.49 6.52 -1.77
C CYS A 51 -1.79 7.43 -2.79
N LEU A 52 -2.26 7.39 -4.03
CA LEU A 52 -1.69 8.20 -5.09
C LEU A 52 -1.64 9.67 -4.70
N ARG A 53 -2.70 10.17 -4.09
CA ARG A 53 -2.76 11.57 -3.69
C ARG A 53 -1.63 11.91 -2.70
N THR A 54 -1.52 11.11 -1.64
CA THR A 54 -0.50 11.33 -0.63
C THR A 54 0.87 10.81 -1.06
N CYS A 55 0.93 9.52 -1.38
CA CYS A 55 2.19 8.90 -1.77
C CYS A 55 2.52 9.12 -3.24
N GLY A 56 1.51 9.10 -4.10
CA GLY A 56 1.75 9.30 -5.52
C GLY A 56 2.17 10.71 -5.85
N GLY A 57 2.99 10.85 -6.89
CA GLY A 57 3.45 12.16 -7.31
C GLY A 57 4.08 12.14 -8.69
N ALA A 58 3.61 11.23 -9.54
CA ALA A 58 4.12 11.11 -10.89
C ALA A 58 3.58 12.22 -11.79
N ARG A 1 8.94 11.72 -2.76
CA ARG A 1 7.87 10.87 -2.19
C ARG A 1 7.95 10.80 -0.67
N PRO A 2 6.81 10.64 0.02
CA PRO A 2 6.76 10.57 1.48
C PRO A 2 7.52 9.34 2.00
N ASP A 3 8.31 9.56 3.05
CA ASP A 3 9.12 8.49 3.65
C ASP A 3 8.34 7.18 3.81
N PHE A 4 7.28 7.22 4.60
CA PHE A 4 6.47 6.03 4.88
C PHE A 4 6.05 5.31 3.58
N CYS A 5 5.88 6.05 2.50
CA CYS A 5 5.48 5.45 1.24
C CYS A 5 6.52 4.45 0.77
N LEU A 6 7.73 4.57 1.30
CA LEU A 6 8.82 3.67 0.94
C LEU A 6 8.72 2.35 1.70
N GLU A 7 7.88 2.32 2.73
CA GLU A 7 7.69 1.11 3.53
C GLU A 7 6.92 0.05 2.74
N PRO A 8 7.57 -1.09 2.42
CA PRO A 8 6.93 -2.18 1.68
C PRO A 8 6.14 -3.12 2.59
N PRO A 9 5.09 -3.77 2.05
CA PRO A 9 4.27 -4.70 2.79
C PRO A 9 4.78 -6.12 2.69
N TYR A 10 3.99 -7.08 3.14
CA TYR A 10 4.39 -8.48 3.11
C TYR A 10 3.17 -9.40 3.01
N ALA A 11 3.24 -10.36 2.10
CA ALA A 11 2.15 -11.31 1.91
C ALA A 11 2.54 -12.71 2.38
N GLY A 12 1.91 -13.15 3.47
CA GLY A 12 2.20 -14.46 4.00
C GLY A 12 1.10 -14.97 4.91
N ALA A 13 1.39 -15.04 6.21
CA ALA A 13 0.45 -15.52 7.18
C ALA A 13 -0.57 -14.45 7.56
N CYS A 14 -1.57 -14.23 6.69
CA CYS A 14 -2.61 -13.24 6.95
C CYS A 14 -3.87 -13.59 6.16
N ARG A 15 -4.93 -12.83 6.39
CA ARG A 15 -6.20 -13.07 5.70
C ARG A 15 -7.02 -11.78 5.62
N ALA A 16 -6.79 -11.02 4.57
CA ALA A 16 -7.50 -9.76 4.36
C ALA A 16 -7.35 -9.27 2.93
N ALA A 17 -8.42 -8.69 2.38
CA ALA A 17 -8.41 -8.17 1.04
C ALA A 17 -9.51 -7.15 0.85
N ALA A 18 -9.61 -6.23 1.81
CA ALA A 18 -10.61 -5.18 1.76
C ALA A 18 -10.29 -4.16 0.68
N ALA A 19 -11.10 -3.11 0.61
CA ALA A 19 -10.90 -2.06 -0.39
C ALA A 19 -9.80 -1.11 0.06
N ARG A 20 -8.57 -1.63 0.17
CA ARG A 20 -7.43 -0.82 0.56
C ARG A 20 -6.24 -1.07 -0.37
N TYR A 21 -5.28 -0.16 -0.31
CA TYR A 21 -4.09 -0.25 -1.16
C TYR A 21 -2.84 0.21 -0.43
N PHE A 22 -1.70 0.12 -1.12
CA PHE A 22 -0.42 0.54 -0.58
C PHE A 22 0.49 1.03 -1.70
N TYR A 23 1.47 1.85 -1.36
CA TYR A 23 2.39 2.38 -2.37
C TYR A 23 3.52 1.41 -2.65
N ASN A 24 3.95 1.36 -3.90
CA ASN A 24 5.04 0.49 -4.32
C ASN A 24 6.21 1.31 -4.83
N ALA A 25 7.11 1.68 -3.92
CA ALA A 25 8.28 2.47 -4.28
C ALA A 25 9.05 1.85 -5.43
N LYS A 26 8.91 0.54 -5.60
CA LYS A 26 9.61 -0.19 -6.66
C LYS A 26 8.84 -0.13 -7.98
N ALA A 27 7.65 0.47 -7.97
CA ALA A 27 6.85 0.57 -9.20
C ALA A 27 6.19 1.94 -9.37
N GLY A 28 6.39 2.83 -8.39
CA GLY A 28 5.83 4.16 -8.47
C GLY A 28 4.32 4.22 -8.34
N LEU A 29 3.66 3.08 -8.24
CA LEU A 29 2.21 3.04 -8.12
C LEU A 29 1.77 2.22 -6.91
N CYS A 30 0.46 2.19 -6.66
CA CYS A 30 -0.08 1.45 -5.53
C CYS A 30 -0.67 0.11 -5.97
N GLN A 31 -1.05 -0.69 -5.00
CA GLN A 31 -1.65 -2.00 -5.25
C GLN A 31 -2.64 -2.38 -4.16
N THR A 32 -3.63 -3.19 -4.52
CA THR A 32 -4.63 -3.64 -3.55
C THR A 32 -4.07 -4.75 -2.66
N PHE A 33 -4.55 -4.80 -1.42
CA PHE A 33 -4.10 -5.83 -0.48
C PHE A 33 -4.53 -7.23 -0.93
N ALA A 34 -3.58 -8.05 -1.32
CA ALA A 34 -3.88 -9.41 -1.76
C ALA A 34 -4.27 -10.30 -0.58
N TYR A 35 -4.99 -11.37 -0.87
CA TYR A 35 -5.44 -12.31 0.17
C TYR A 35 -4.25 -12.98 0.86
N GLY A 36 -3.47 -12.18 1.55
CA GLY A 36 -2.31 -12.67 2.24
C GLY A 36 -1.46 -11.54 2.78
N ALA A 37 -1.43 -10.43 2.04
CA ALA A 37 -0.66 -9.27 2.45
C ALA A 37 -1.24 -8.65 3.72
N CYS A 38 -0.39 -8.52 4.73
CA CYS A 38 -0.80 -7.96 6.00
C CYS A 38 -0.79 -6.43 5.94
N ALA A 39 -1.62 -5.80 6.76
CA ALA A 39 -1.70 -4.35 6.80
C ALA A 39 -0.43 -3.73 7.36
N ALA A 40 0.24 -2.93 6.53
CA ALA A 40 1.47 -2.28 6.94
C ALA A 40 1.19 -1.15 7.93
N LYS A 41 2.24 -0.64 8.55
CA LYS A 41 2.10 0.44 9.52
C LYS A 41 1.50 1.69 8.87
N ARG A 42 2.32 2.42 8.13
CA ARG A 42 1.88 3.64 7.46
C ARG A 42 1.41 3.38 6.04
N ASN A 43 1.97 2.36 5.40
CA ASN A 43 1.65 2.03 4.03
C ASN A 43 0.28 1.36 3.93
N ASN A 44 -0.77 2.14 4.14
CA ASN A 44 -2.13 1.62 4.07
C ASN A 44 -3.15 2.74 3.83
N PHE A 45 -3.62 2.88 2.59
CA PHE A 45 -4.60 3.89 2.26
C PHE A 45 -5.97 3.27 2.02
N LYS A 46 -7.02 3.90 2.56
CA LYS A 46 -8.37 3.39 2.41
C LYS A 46 -8.81 3.42 0.94
N SER A 47 -8.05 4.11 0.09
CA SER A 47 -8.38 4.20 -1.32
C SER A 47 -7.16 4.45 -2.16
N ALA A 48 -7.15 3.91 -3.38
CA ALA A 48 -6.04 4.11 -4.30
C ALA A 48 -5.85 5.59 -4.57
N GLU A 49 -6.97 6.29 -4.68
CA GLU A 49 -6.91 7.73 -4.91
C GLU A 49 -6.14 8.37 -3.76
N ASP A 50 -6.37 7.83 -2.55
CA ASP A 50 -5.69 8.32 -1.37
C ASP A 50 -4.19 8.01 -1.41
N CYS A 51 -3.84 6.77 -1.77
CA CYS A 51 -2.43 6.39 -1.85
C CYS A 51 -1.73 7.21 -2.93
N LEU A 52 -2.30 7.16 -4.12
CA LEU A 52 -1.78 7.89 -5.26
C LEU A 52 -1.60 9.37 -4.95
N ARG A 53 -2.58 9.97 -4.28
CA ARG A 53 -2.51 11.38 -3.93
C ARG A 53 -1.32 11.69 -3.05
N THR A 54 -1.23 10.99 -1.92
CA THR A 54 -0.14 11.21 -0.97
C THR A 54 1.18 10.57 -1.42
N CYS A 55 1.12 9.30 -1.77
CA CYS A 55 2.31 8.57 -2.19
C CYS A 55 2.60 8.70 -3.69
N GLY A 56 1.56 8.72 -4.50
CA GLY A 56 1.75 8.82 -5.94
C GLY A 56 2.23 10.19 -6.38
N GLY A 57 3.54 10.41 -6.31
CA GLY A 57 4.10 11.69 -6.70
C GLY A 57 4.68 11.65 -8.11
N ALA A 58 4.15 10.77 -8.95
CA ALA A 58 4.61 10.64 -10.33
C ALA A 58 4.09 11.78 -11.19
N ARG A 1 9.23 12.46 -1.57
CA ARG A 1 8.25 11.36 -1.35
C ARG A 1 8.27 10.90 0.11
N PRO A 2 7.10 10.55 0.67
CA PRO A 2 7.00 10.08 2.06
C PRO A 2 7.73 8.76 2.27
N ASP A 3 8.54 8.70 3.33
CA ASP A 3 9.32 7.51 3.65
C ASP A 3 8.49 6.24 3.62
N PHE A 4 7.41 6.21 4.39
CA PHE A 4 6.55 5.02 4.48
C PHE A 4 6.12 4.51 3.10
N CYS A 5 6.06 5.40 2.12
CA CYS A 5 5.68 5.01 0.77
C CYS A 5 6.65 3.96 0.22
N LEU A 6 7.84 3.96 0.77
CA LEU A 6 8.87 3.00 0.36
C LEU A 6 8.65 1.65 1.03
N GLU A 7 7.80 1.64 2.06
CA GLU A 7 7.50 0.41 2.79
C GLU A 7 6.62 -0.51 1.95
N PRO A 8 7.13 -1.71 1.59
CA PRO A 8 6.37 -2.67 0.80
C PRO A 8 5.26 -3.33 1.62
N PRO A 9 4.25 -3.91 0.95
CA PRO A 9 3.13 -4.58 1.62
C PRO A 9 3.56 -5.42 2.80
N TYR A 10 2.57 -5.88 3.57
CA TYR A 10 2.81 -6.70 4.74
C TYR A 10 3.08 -8.15 4.33
N ALA A 11 3.59 -8.93 5.29
CA ALA A 11 3.89 -10.33 5.04
C ALA A 11 3.46 -11.20 6.21
N GLY A 12 2.24 -11.71 6.15
CA GLY A 12 1.72 -12.56 7.22
C GLY A 12 0.84 -13.66 6.69
N ALA A 13 0.07 -14.27 7.60
CA ALA A 13 -0.82 -15.34 7.25
C ALA A 13 -2.18 -14.84 6.78
N CYS A 14 -2.20 -13.72 6.08
CA CYS A 14 -3.45 -13.14 5.58
C CYS A 14 -3.96 -13.92 4.37
N ARG A 15 -5.26 -13.82 4.12
CA ARG A 15 -5.87 -14.53 2.99
C ARG A 15 -7.19 -13.88 2.59
N ALA A 16 -7.18 -13.13 1.49
CA ALA A 16 -8.36 -12.46 0.99
C ALA A 16 -8.86 -11.40 1.96
N ALA A 17 -8.46 -10.15 1.73
CA ALA A 17 -8.87 -9.04 2.56
C ALA A 17 -8.65 -7.72 1.85
N ALA A 18 -9.14 -7.61 0.63
CA ALA A 18 -8.99 -6.40 -0.17
C ALA A 18 -9.83 -5.26 0.39
N ALA A 19 -9.18 -4.14 0.70
CA ALA A 19 -9.88 -2.97 1.24
C ALA A 19 -8.99 -1.73 1.16
N ARG A 20 -7.76 -1.86 1.62
CA ARG A 20 -6.81 -0.75 1.60
C ARG A 20 -5.85 -0.85 0.42
N TYR A 21 -4.95 0.12 0.31
CA TYR A 21 -3.97 0.13 -0.76
C TYR A 21 -2.58 0.48 -0.24
N PHE A 22 -1.57 0.31 -1.08
CA PHE A 22 -0.19 0.64 -0.71
C PHE A 22 0.57 1.14 -1.92
N TYR A 23 1.62 1.90 -1.66
CA TYR A 23 2.43 2.46 -2.75
C TYR A 23 3.50 1.46 -3.19
N ASN A 24 3.71 1.41 -4.49
CA ASN A 24 4.72 0.51 -5.06
C ASN A 24 5.92 1.31 -5.54
N ALA A 25 6.89 1.52 -4.66
CA ALA A 25 8.08 2.28 -5.01
C ALA A 25 8.74 1.73 -6.27
N LYS A 26 8.51 0.44 -6.54
CA LYS A 26 9.08 -0.21 -7.71
C LYS A 26 8.14 -0.16 -8.92
N ALA A 27 6.98 0.49 -8.77
CA ALA A 27 6.03 0.57 -9.86
C ALA A 27 5.36 1.95 -9.97
N GLY A 28 5.70 2.86 -9.07
CA GLY A 28 5.14 4.20 -9.09
C GLY A 28 3.64 4.26 -8.86
N LEU A 29 2.99 3.10 -8.74
CA LEU A 29 1.55 3.05 -8.52
C LEU A 29 1.21 2.29 -7.25
N CYS A 30 -0.06 2.31 -6.86
CA CYS A 30 -0.49 1.62 -5.66
C CYS A 30 -1.20 0.32 -6.00
N GLN A 31 -1.47 -0.47 -4.97
CA GLN A 31 -2.15 -1.74 -5.13
C GLN A 31 -2.94 -2.11 -3.88
N THR A 32 -4.11 -2.73 -4.08
CA THR A 32 -4.94 -3.16 -2.95
C THR A 32 -4.36 -4.42 -2.31
N PHE A 33 -4.24 -4.39 -0.99
CA PHE A 33 -3.70 -5.53 -0.24
C PHE A 33 -4.48 -6.80 -0.54
N ALA A 34 -3.88 -7.95 -0.25
CA ALA A 34 -4.53 -9.23 -0.50
C ALA A 34 -3.83 -10.38 0.22
N TYR A 35 -4.06 -11.60 -0.28
CA TYR A 35 -3.47 -12.81 0.30
C TYR A 35 -2.05 -12.55 0.76
N GLY A 36 -1.69 -13.14 1.90
CA GLY A 36 -0.37 -12.97 2.44
C GLY A 36 0.12 -11.54 2.39
N ALA A 37 -0.78 -10.59 2.64
CA ALA A 37 -0.42 -9.17 2.61
C ALA A 37 -1.46 -8.32 3.33
N CYS A 38 -1.24 -8.11 4.63
CA CYS A 38 -2.15 -7.32 5.46
C CYS A 38 -1.77 -5.83 5.42
N ALA A 39 -2.60 -5.01 6.06
CA ALA A 39 -2.36 -3.58 6.11
C ALA A 39 -1.21 -3.21 7.04
N ALA A 40 -0.26 -2.45 6.51
CA ALA A 40 0.89 -2.01 7.28
C ALA A 40 0.54 -0.82 8.17
N LYS A 41 1.14 -0.77 9.35
CA LYS A 41 0.89 0.30 10.30
C LYS A 41 1.33 1.66 9.74
N ARG A 42 2.39 1.66 8.95
CA ARG A 42 2.93 2.89 8.39
C ARG A 42 2.22 3.31 7.10
N ASN A 43 2.63 2.72 5.98
CA ASN A 43 2.05 3.05 4.69
C ASN A 43 0.78 2.23 4.41
N ASN A 44 -0.36 2.90 4.56
CA ASN A 44 -1.65 2.25 4.35
C ASN A 44 -2.74 3.30 4.07
N PHE A 45 -3.19 3.39 2.81
CA PHE A 45 -4.22 4.35 2.45
C PHE A 45 -5.56 3.65 2.23
N LYS A 46 -6.62 4.26 2.75
CA LYS A 46 -7.96 3.70 2.62
C LYS A 46 -8.40 3.61 1.16
N SER A 47 -7.69 4.31 0.28
CA SER A 47 -8.02 4.30 -1.14
C SER A 47 -6.78 4.54 -1.99
N ALA A 48 -6.76 3.91 -3.16
CA ALA A 48 -5.64 4.06 -4.08
C ALA A 48 -5.47 5.52 -4.45
N GLU A 49 -6.59 6.20 -4.65
CA GLU A 49 -6.56 7.61 -4.97
C GLU A 49 -5.86 8.35 -3.83
N ASP A 50 -6.15 7.91 -2.61
CA ASP A 50 -5.55 8.48 -1.43
C ASP A 50 -4.05 8.21 -1.42
N CYS A 51 -3.66 6.97 -1.75
CA CYS A 51 -2.24 6.60 -1.78
C CYS A 51 -1.51 7.44 -2.83
N LEU A 52 -2.00 7.39 -4.07
CA LEU A 52 -1.39 8.14 -5.17
C LEU A 52 -1.31 9.63 -4.84
N ARG A 53 -2.36 10.17 -4.22
CA ARG A 53 -2.39 11.57 -3.86
C ARG A 53 -1.25 11.92 -2.92
N THR A 54 -1.11 11.15 -1.85
CA THR A 54 -0.05 11.38 -0.87
C THR A 54 1.28 10.81 -1.33
N CYS A 55 1.31 9.51 -1.59
CA CYS A 55 2.53 8.83 -2.01
C CYS A 55 2.89 9.14 -3.46
N GLY A 56 1.91 9.13 -4.34
CA GLY A 56 2.18 9.40 -5.75
C GLY A 56 2.68 10.82 -5.97
N GLY A 57 3.41 11.01 -7.07
CA GLY A 57 3.94 12.32 -7.39
C GLY A 57 4.56 12.38 -8.77
N ALA A 58 5.68 11.68 -8.94
CA ALA A 58 6.38 11.65 -10.22
C ALA A 58 6.49 13.04 -10.84
N ARG A 1 8.42 12.71 -2.43
CA ARG A 1 7.63 11.52 -2.01
C ARG A 1 7.87 11.20 -0.54
N PRO A 2 6.83 10.77 0.20
CA PRO A 2 6.95 10.43 1.63
C PRO A 2 7.81 9.19 1.85
N ASP A 3 8.74 9.29 2.79
CA ASP A 3 9.66 8.20 3.11
C ASP A 3 8.94 6.86 3.28
N PHE A 4 8.00 6.80 4.22
CA PHE A 4 7.28 5.56 4.50
C PHE A 4 6.70 4.93 3.24
N CYS A 5 6.42 5.73 2.23
CA CYS A 5 5.87 5.20 0.98
C CYS A 5 6.82 4.20 0.37
N LEU A 6 8.09 4.28 0.77
CA LEU A 6 9.11 3.36 0.27
C LEU A 6 9.07 2.03 1.01
N GLU A 7 8.24 1.95 2.05
CA GLU A 7 8.10 0.74 2.84
C GLU A 7 7.37 -0.35 2.06
N PRO A 8 8.03 -1.49 1.82
CA PRO A 8 7.43 -2.61 1.09
C PRO A 8 6.34 -3.31 1.90
N PRO A 9 5.33 -3.89 1.22
CA PRO A 9 4.24 -4.60 1.89
C PRO A 9 4.64 -6.01 2.30
N TYR A 10 3.69 -6.76 2.85
CA TYR A 10 3.95 -8.12 3.28
C TYR A 10 2.67 -8.96 3.29
N ALA A 11 2.84 -10.28 3.29
CA ALA A 11 1.70 -11.19 3.29
C ALA A 11 1.90 -12.32 4.30
N GLY A 12 1.13 -12.26 5.39
CA GLY A 12 1.24 -13.28 6.42
C GLY A 12 0.42 -12.95 7.65
N ALA A 13 -0.16 -13.98 8.26
CA ALA A 13 -0.97 -13.79 9.47
C ALA A 13 -2.30 -13.11 9.13
N CYS A 14 -2.83 -13.42 7.96
CA CYS A 14 -4.10 -12.86 7.51
C CYS A 14 -4.67 -13.70 6.38
N ARG A 15 -5.95 -13.50 6.06
CA ARG A 15 -6.60 -14.25 5.00
C ARG A 15 -7.84 -13.55 4.46
N ALA A 16 -7.72 -12.98 3.26
CA ALA A 16 -8.83 -12.29 2.61
C ALA A 16 -9.15 -10.96 3.29
N ALA A 17 -8.70 -9.88 2.68
CA ALA A 17 -8.95 -8.55 3.19
C ALA A 17 -8.70 -7.50 2.11
N ALA A 18 -9.19 -7.79 0.91
CA ALA A 18 -9.01 -6.90 -0.22
C ALA A 18 -9.85 -5.64 -0.09
N ALA A 19 -9.28 -4.61 0.53
CA ALA A 19 -9.97 -3.34 0.71
C ALA A 19 -8.98 -2.22 1.07
N ARG A 20 -7.72 -2.43 0.72
CA ARG A 20 -6.67 -1.45 1.00
C ARG A 20 -5.62 -1.46 -0.12
N TYR A 21 -4.75 -0.45 -0.13
CA TYR A 21 -3.71 -0.36 -1.13
C TYR A 21 -2.38 0.05 -0.51
N PHE A 22 -1.33 0.03 -1.32
CA PHE A 22 0.02 0.42 -0.86
C PHE A 22 0.80 1.06 -1.99
N TYR A 23 1.77 1.89 -1.64
CA TYR A 23 2.59 2.56 -2.66
C TYR A 23 3.76 1.69 -3.07
N ASN A 24 4.05 1.69 -4.37
CA ASN A 24 5.15 0.90 -4.90
C ASN A 24 6.23 1.81 -5.48
N ALA A 25 7.20 2.19 -4.65
CA ALA A 25 8.28 3.06 -5.09
C ALA A 25 8.97 2.50 -6.33
N LYS A 26 8.96 1.17 -6.44
CA LYS A 26 9.58 0.50 -7.59
C LYS A 26 8.68 0.55 -8.82
N ALA A 27 7.49 1.14 -8.69
CA ALA A 27 6.56 1.23 -9.80
C ALA A 27 5.87 2.60 -9.90
N GLY A 28 6.19 3.49 -8.95
CA GLY A 28 5.61 4.82 -8.97
C GLY A 28 4.11 4.86 -8.69
N LEU A 29 3.47 3.70 -8.64
CA LEU A 29 2.03 3.64 -8.38
C LEU A 29 1.72 2.73 -7.21
N CYS A 30 0.44 2.65 -6.84
CA CYS A 30 0.01 1.80 -5.74
C CYS A 30 -0.51 0.47 -6.24
N GLN A 31 -0.75 -0.44 -5.29
CA GLN A 31 -1.25 -1.77 -5.60
C GLN A 31 -2.17 -2.26 -4.49
N THR A 32 -3.23 -2.96 -4.87
CA THR A 32 -4.17 -3.51 -3.90
C THR A 32 -3.58 -4.73 -3.19
N PHE A 33 -3.79 -4.80 -1.88
CA PHE A 33 -3.27 -5.91 -1.07
C PHE A 33 -3.70 -7.26 -1.64
N ALA A 34 -2.73 -8.11 -1.92
CA ALA A 34 -2.99 -9.44 -2.48
C ALA A 34 -3.54 -10.40 -1.42
N TYR A 35 -3.64 -11.67 -1.80
CA TYR A 35 -4.16 -12.71 -0.91
C TYR A 35 -3.44 -12.69 0.44
N GLY A 36 -4.21 -12.96 1.50
CA GLY A 36 -3.69 -13.00 2.83
C GLY A 36 -2.73 -11.87 3.20
N ALA A 37 -2.75 -10.79 2.42
CA ALA A 37 -1.88 -9.65 2.71
C ALA A 37 -2.34 -8.94 3.98
N CYS A 38 -1.65 -7.87 4.35
CA CYS A 38 -2.03 -7.12 5.54
C CYS A 38 -1.54 -5.68 5.46
N ALA A 39 -2.27 -4.79 6.13
CA ALA A 39 -1.94 -3.37 6.16
C ALA A 39 -0.67 -3.11 6.98
N ALA A 40 0.18 -2.21 6.50
CA ALA A 40 1.40 -1.88 7.21
C ALA A 40 1.21 -0.68 8.13
N LYS A 41 2.30 -0.21 8.73
CA LYS A 41 2.24 0.93 9.63
C LYS A 41 1.70 2.17 8.89
N ARG A 42 2.58 2.84 8.15
CA ARG A 42 2.18 4.03 7.41
C ARG A 42 1.65 3.66 6.03
N ASN A 43 2.22 2.61 5.44
CA ASN A 43 1.83 2.18 4.11
C ASN A 43 0.48 1.47 4.15
N ASN A 44 -0.58 2.24 4.37
CA ASN A 44 -1.92 1.67 4.44
C ASN A 44 -2.99 2.71 4.12
N PHE A 45 -3.39 2.79 2.85
CA PHE A 45 -4.40 3.73 2.42
C PHE A 45 -5.72 2.99 2.14
N LYS A 46 -6.81 3.49 2.69
CA LYS A 46 -8.12 2.86 2.50
C LYS A 46 -8.54 2.86 1.04
N SER A 47 -7.82 3.61 0.20
CA SER A 47 -8.15 3.67 -1.22
C SER A 47 -6.93 4.06 -2.03
N ALA A 48 -6.87 3.57 -3.27
CA ALA A 48 -5.77 3.89 -4.15
C ALA A 48 -5.71 5.39 -4.35
N GLU A 49 -6.88 6.01 -4.41
CA GLU A 49 -6.96 7.45 -4.57
C GLU A 49 -6.27 8.08 -3.38
N ASP A 50 -6.47 7.47 -2.20
CA ASP A 50 -5.85 7.95 -0.97
C ASP A 50 -4.33 7.77 -1.04
N CYS A 51 -3.88 6.59 -1.48
CA CYS A 51 -2.45 6.33 -1.58
C CYS A 51 -1.81 7.31 -2.56
N LEU A 52 -2.33 7.35 -3.78
CA LEU A 52 -1.82 8.24 -4.81
C LEU A 52 -1.77 9.68 -4.33
N ARG A 53 -2.81 10.12 -3.62
CA ARG A 53 -2.86 11.49 -3.12
C ARG A 53 -1.69 11.77 -2.18
N THR A 54 -1.51 10.90 -1.19
CA THR A 54 -0.44 11.07 -0.21
C THR A 54 0.91 10.62 -0.77
N CYS A 55 0.99 9.36 -1.17
CA CYS A 55 2.24 8.80 -1.69
C CYS A 55 2.53 9.26 -3.12
N GLY A 56 1.50 9.29 -3.96
CA GLY A 56 1.68 9.71 -5.34
C GLY A 56 2.02 11.19 -5.46
N GLY A 57 1.01 12.04 -5.34
CA GLY A 57 1.23 13.47 -5.44
C GLY A 57 2.37 13.95 -4.57
N ALA A 58 3.31 14.66 -5.17
CA ALA A 58 4.46 15.18 -4.44
C ALA A 58 5.17 16.27 -5.24
N ARG A 1 8.69 11.37 -2.02
CA ARG A 1 7.56 10.58 -1.45
C ARG A 1 7.71 10.43 0.06
N PRO A 2 6.59 10.29 0.79
CA PRO A 2 6.60 10.14 2.24
C PRO A 2 7.35 8.89 2.68
N ASP A 3 8.15 9.03 3.74
CA ASP A 3 8.95 7.93 4.26
C ASP A 3 8.16 6.62 4.34
N PHE A 4 7.10 6.62 5.15
CA PHE A 4 6.28 5.42 5.34
C PHE A 4 5.82 4.82 4.02
N CYS A 5 5.65 5.64 3.00
CA CYS A 5 5.21 5.16 1.69
C CYS A 5 6.23 4.18 1.12
N LEU A 6 7.44 4.22 1.65
CA LEU A 6 8.51 3.33 1.21
C LEU A 6 8.38 1.96 1.85
N GLU A 7 7.53 1.86 2.87
CA GLU A 7 7.33 0.60 3.57
C GLU A 7 6.54 -0.38 2.72
N PRO A 8 7.15 -1.51 2.30
CA PRO A 8 6.49 -2.51 1.47
C PRO A 8 5.65 -3.47 2.30
N PRO A 9 4.56 -3.99 1.72
CA PRO A 9 3.65 -4.92 2.40
C PRO A 9 3.99 -6.37 2.14
N TYR A 10 3.81 -7.21 3.14
CA TYR A 10 4.09 -8.64 3.02
C TYR A 10 2.87 -9.38 2.49
N ALA A 11 3.11 -10.37 1.64
CA ALA A 11 2.03 -11.16 1.04
C ALA A 11 2.13 -12.63 1.44
N GLY A 12 1.23 -13.07 2.30
CA GLY A 12 1.23 -14.45 2.75
C GLY A 12 1.29 -14.58 4.25
N ALA A 13 0.59 -15.57 4.80
CA ALA A 13 0.56 -15.80 6.23
C ALA A 13 -0.04 -14.60 6.97
N CYS A 14 -1.19 -14.14 6.51
CA CYS A 14 -1.86 -13.01 7.12
C CYS A 14 -3.31 -12.91 6.65
N ARG A 15 -4.10 -12.10 7.36
CA ARG A 15 -5.50 -11.90 7.02
C ARG A 15 -6.04 -10.62 7.65
N ALA A 16 -5.78 -9.49 7.00
CA ALA A 16 -6.25 -8.20 7.50
C ALA A 16 -6.13 -7.11 6.45
N ALA A 17 -7.02 -6.13 6.53
CA ALA A 17 -7.03 -5.01 5.59
C ALA A 17 -7.50 -5.45 4.20
N ALA A 18 -8.74 -5.92 4.13
CA ALA A 18 -9.31 -6.37 2.87
C ALA A 18 -9.59 -5.21 1.94
N ALA A 19 -9.71 -5.50 0.64
CA ALA A 19 -9.99 -4.50 -0.39
C ALA A 19 -9.39 -3.13 -0.04
N ARG A 20 -8.06 -3.02 -0.16
CA ARG A 20 -7.38 -1.77 0.14
C ARG A 20 -6.23 -1.53 -0.83
N TYR A 21 -5.55 -0.41 -0.66
CA TYR A 21 -4.43 -0.06 -1.55
C TYR A 21 -3.18 0.31 -0.77
N PHE A 22 -2.03 0.14 -1.42
CA PHE A 22 -0.73 0.46 -0.81
C PHE A 22 0.22 0.98 -1.87
N TYR A 23 1.17 1.81 -1.45
CA TYR A 23 2.14 2.37 -2.39
C TYR A 23 3.31 1.42 -2.61
N ASN A 24 3.75 1.33 -3.86
CA ASN A 24 4.88 0.48 -4.23
C ASN A 24 6.07 1.33 -4.67
N ALA A 25 6.90 1.72 -3.71
CA ALA A 25 8.08 2.53 -4.00
C ALA A 25 8.94 1.89 -5.07
N LYS A 26 8.85 0.57 -5.20
CA LYS A 26 9.62 -0.16 -6.20
C LYS A 26 8.98 -0.06 -7.59
N ALA A 27 7.81 0.56 -7.68
CA ALA A 27 7.12 0.70 -8.96
C ALA A 27 6.45 2.08 -9.13
N GLY A 28 6.61 2.94 -8.13
CA GLY A 28 6.05 4.27 -8.20
C GLY A 28 4.53 4.33 -8.18
N LEU A 29 3.87 3.17 -8.22
CA LEU A 29 2.42 3.13 -8.20
C LEU A 29 1.90 2.30 -7.03
N CYS A 30 0.58 2.30 -6.86
CA CYS A 30 -0.04 1.53 -5.77
C CYS A 30 -0.66 0.25 -6.30
N GLN A 31 -1.03 -0.62 -5.38
CA GLN A 31 -1.64 -1.90 -5.74
C GLN A 31 -2.63 -2.36 -4.68
N THR A 32 -3.57 -3.22 -5.11
CA THR A 32 -4.57 -3.79 -4.20
C THR A 32 -3.96 -4.94 -3.42
N PHE A 33 -4.41 -5.13 -2.19
CA PHE A 33 -3.90 -6.20 -1.34
C PHE A 33 -4.24 -7.58 -1.91
N ALA A 34 -3.21 -8.33 -2.27
CA ALA A 34 -3.38 -9.67 -2.83
C ALA A 34 -3.81 -10.67 -1.76
N TYR A 35 -3.83 -11.94 -2.12
CA TYR A 35 -4.22 -13.00 -1.19
C TYR A 35 -3.56 -12.82 0.18
N GLY A 36 -4.36 -12.97 1.23
CA GLY A 36 -3.89 -12.85 2.59
C GLY A 36 -2.86 -11.75 2.82
N ALA A 37 -2.89 -10.71 1.98
CA ALA A 37 -1.96 -9.60 2.13
C ALA A 37 -2.28 -8.80 3.38
N CYS A 38 -1.39 -7.90 3.76
CA CYS A 38 -1.61 -7.07 4.95
C CYS A 38 -0.82 -5.77 4.90
N ALA A 39 -1.42 -4.72 5.45
CA ALA A 39 -0.79 -3.41 5.50
C ALA A 39 0.39 -3.41 6.47
N ALA A 40 1.11 -2.30 6.52
CA ALA A 40 2.27 -2.18 7.41
C ALA A 40 2.13 -0.98 8.32
N LYS A 41 0.89 -0.69 8.71
CA LYS A 41 0.57 0.42 9.62
C LYS A 41 0.28 1.70 8.85
N ARG A 42 1.30 2.26 8.22
CA ARG A 42 1.16 3.50 7.46
C ARG A 42 0.74 3.24 6.02
N ASN A 43 1.33 2.21 5.41
CA ASN A 43 1.04 1.89 4.01
C ASN A 43 -0.33 1.24 3.88
N ASN A 44 -1.37 2.05 4.04
CA ASN A 44 -2.74 1.55 3.95
C ASN A 44 -3.73 2.66 3.57
N PHE A 45 -4.01 2.81 2.28
CA PHE A 45 -4.95 3.82 1.83
C PHE A 45 -6.26 3.15 1.42
N LYS A 46 -7.37 3.69 1.92
CA LYS A 46 -8.68 3.13 1.61
C LYS A 46 -8.99 3.26 0.12
N SER A 47 -8.20 4.04 -0.60
CA SER A 47 -8.39 4.22 -2.03
C SER A 47 -7.09 4.52 -2.74
N ALA A 48 -6.96 4.02 -3.96
CA ALA A 48 -5.77 4.25 -4.75
C ALA A 48 -5.57 5.74 -4.95
N GLU A 49 -6.68 6.46 -5.08
CA GLU A 49 -6.61 7.91 -5.24
C GLU A 49 -5.93 8.49 -4.02
N ASP A 50 -6.25 7.91 -2.85
CA ASP A 50 -5.65 8.35 -1.60
C ASP A 50 -4.16 8.05 -1.60
N CYS A 51 -3.77 6.83 -1.98
CA CYS A 51 -2.37 6.47 -2.02
C CYS A 51 -1.60 7.37 -2.99
N LEU A 52 -2.09 7.46 -4.22
CA LEU A 52 -1.47 8.29 -5.24
C LEU A 52 -1.34 9.73 -4.79
N ARG A 53 -2.40 10.27 -4.20
CA ARG A 53 -2.37 11.66 -3.74
C ARG A 53 -1.27 11.88 -2.70
N THR A 54 -1.17 10.96 -1.76
CA THR A 54 -0.16 11.06 -0.70
C THR A 54 1.22 10.57 -1.16
N CYS A 55 1.31 9.28 -1.51
CA CYS A 55 2.58 8.70 -1.93
C CYS A 55 2.87 8.90 -3.40
N GLY A 56 1.82 8.99 -4.22
CA GLY A 56 2.03 9.17 -5.65
C GLY A 56 2.67 10.50 -5.98
N GLY A 57 2.02 11.28 -6.83
CA GLY A 57 2.56 12.58 -7.22
C GLY A 57 3.54 12.48 -8.36
N ALA A 58 4.62 11.72 -8.15
CA ALA A 58 5.63 11.54 -9.18
C ALA A 58 5.15 10.58 -10.26
N ARG A 1 8.75 12.49 -2.45
CA ARG A 1 7.93 11.32 -2.04
C ARG A 1 8.01 11.09 -0.53
N PRO A 2 6.87 10.83 0.13
CA PRO A 2 6.84 10.60 1.57
C PRO A 2 7.68 9.38 1.96
N ASP A 3 8.46 9.53 3.04
CA ASP A 3 9.34 8.46 3.51
C ASP A 3 8.63 7.11 3.63
N PHE A 4 7.55 7.06 4.41
CA PHE A 4 6.82 5.81 4.62
C PHE A 4 6.45 5.12 3.30
N CYS A 5 6.37 5.89 2.23
CA CYS A 5 6.04 5.33 0.92
C CYS A 5 7.09 4.32 0.48
N LEU A 6 8.25 4.38 1.12
CA LEU A 6 9.34 3.47 0.81
C LEU A 6 9.18 2.14 1.53
N GLU A 7 8.29 2.09 2.51
CA GLU A 7 8.05 0.87 3.27
C GLU A 7 7.27 -0.16 2.45
N PRO A 8 7.87 -1.34 2.20
CA PRO A 8 7.21 -2.40 1.42
C PRO A 8 6.31 -3.28 2.28
N PRO A 9 5.32 -3.95 1.66
CA PRO A 9 4.40 -4.82 2.37
C PRO A 9 4.93 -6.25 2.45
N TYR A 10 4.13 -7.14 3.05
CA TYR A 10 4.53 -8.53 3.19
C TYR A 10 3.30 -9.44 3.27
N ALA A 11 3.47 -10.69 2.83
CA ALA A 11 2.38 -11.66 2.84
C ALA A 11 2.78 -12.93 3.58
N GLY A 12 1.98 -13.29 4.59
CA GLY A 12 2.26 -14.47 5.36
C GLY A 12 1.21 -14.72 6.43
N ALA A 13 0.16 -15.44 6.07
CA ALA A 13 -0.92 -15.74 6.98
C ALA A 13 -1.53 -14.46 7.57
N CYS A 14 -2.60 -14.00 6.93
CA CYS A 14 -3.30 -12.79 7.37
C CYS A 14 -4.69 -12.72 6.78
N ARG A 15 -5.49 -11.76 7.23
CA ARG A 15 -6.85 -11.59 6.75
C ARG A 15 -7.33 -10.16 6.94
N ALA A 16 -8.49 -9.85 6.37
CA ALA A 16 -9.08 -8.51 6.48
C ALA A 16 -8.44 -7.54 5.50
N ALA A 17 -9.01 -7.45 4.30
CA ALA A 17 -8.52 -6.56 3.27
C ALA A 17 -9.59 -6.31 2.22
N ALA A 18 -10.67 -5.66 2.63
CA ALA A 18 -11.77 -5.36 1.72
C ALA A 18 -11.38 -4.28 0.72
N ALA A 19 -10.71 -4.69 -0.35
CA ALA A 19 -10.28 -3.76 -1.38
C ALA A 19 -9.41 -2.63 -0.81
N ARG A 20 -8.10 -2.85 -0.82
CA ARG A 20 -7.16 -1.85 -0.32
C ARG A 20 -5.94 -1.73 -1.24
N TYR A 21 -5.16 -0.68 -1.07
CA TYR A 21 -3.99 -0.46 -1.91
C TYR A 21 -2.78 -0.05 -1.09
N PHE A 22 -1.60 -0.12 -1.71
CA PHE A 22 -0.34 0.28 -1.08
C PHE A 22 0.58 0.91 -2.11
N TYR A 23 1.47 1.79 -1.66
CA TYR A 23 2.37 2.47 -2.59
C TYR A 23 3.60 1.62 -2.89
N ASN A 24 4.01 1.64 -4.16
CA ASN A 24 5.18 0.90 -4.60
C ASN A 24 6.26 1.87 -5.09
N ALA A 25 7.13 2.29 -4.17
CA ALA A 25 8.20 3.23 -4.52
C ALA A 25 9.02 2.74 -5.71
N LYS A 26 9.08 1.42 -5.87
CA LYS A 26 9.81 0.82 -6.98
C LYS A 26 9.02 0.89 -8.29
N ALA A 27 7.80 1.42 -8.23
CA ALA A 27 6.96 1.51 -9.42
C ALA A 27 6.20 2.84 -9.49
N GLY A 28 6.34 3.69 -8.47
CA GLY A 28 5.67 4.97 -8.46
C GLY A 28 4.15 4.89 -8.37
N LEU A 29 3.61 3.69 -8.39
CA LEU A 29 2.16 3.52 -8.32
C LEU A 29 1.77 2.59 -7.17
N CYS A 30 0.47 2.47 -6.92
CA CYS A 30 -0.03 1.61 -5.86
C CYS A 30 -0.55 0.29 -6.40
N GLN A 31 -0.83 -0.64 -5.49
CA GLN A 31 -1.33 -1.96 -5.85
C GLN A 31 -2.27 -2.52 -4.79
N THR A 32 -3.21 -3.36 -5.22
CA THR A 32 -4.17 -3.98 -4.30
C THR A 32 -3.51 -5.08 -3.47
N PHE A 33 -3.98 -5.23 -2.23
CA PHE A 33 -3.46 -6.26 -1.34
C PHE A 33 -3.97 -7.64 -1.74
N ALA A 34 -3.05 -8.60 -1.84
CA ALA A 34 -3.43 -9.96 -2.20
C ALA A 34 -4.16 -10.64 -1.06
N TYR A 35 -4.96 -11.67 -1.36
CA TYR A 35 -5.70 -12.39 -0.34
C TYR A 35 -4.76 -13.13 0.60
N GLY A 36 -3.96 -12.38 1.32
CA GLY A 36 -3.01 -12.95 2.23
C GLY A 36 -2.01 -11.92 2.74
N ALA A 37 -1.76 -10.89 1.93
CA ALA A 37 -0.82 -9.84 2.29
C ALA A 37 -1.28 -9.07 3.53
N CYS A 38 -0.38 -8.93 4.49
CA CYS A 38 -0.67 -8.22 5.73
C CYS A 38 -0.49 -6.71 5.55
N ALA A 39 -1.28 -5.93 6.29
CA ALA A 39 -1.21 -4.47 6.22
C ALA A 39 0.10 -3.94 6.80
N ALA A 40 0.40 -2.69 6.49
CA ALA A 40 1.61 -2.03 6.99
C ALA A 40 1.28 -0.91 7.96
N LYS A 41 2.30 -0.42 8.65
CA LYS A 41 2.11 0.65 9.64
C LYS A 41 1.63 1.94 8.97
N ARG A 42 2.54 2.63 8.28
CA ARG A 42 2.21 3.89 7.62
C ARG A 42 1.65 3.65 6.22
N ASN A 43 2.13 2.59 5.57
CA ASN A 43 1.70 2.29 4.23
C ASN A 43 0.28 1.73 4.26
N ASN A 44 -0.20 1.35 3.08
CA ASN A 44 -1.54 0.79 2.93
C ASN A 44 -2.61 1.86 3.06
N PHE A 45 -3.34 2.09 1.97
CA PHE A 45 -4.41 3.07 1.94
C PHE A 45 -5.74 2.39 1.63
N LYS A 46 -6.82 2.87 2.24
CA LYS A 46 -8.14 2.28 2.01
C LYS A 46 -8.57 2.42 0.55
N SER A 47 -7.91 3.30 -0.19
CA SER A 47 -8.23 3.52 -1.60
C SER A 47 -7.01 3.98 -2.37
N ALA A 48 -6.92 3.57 -3.63
CA ALA A 48 -5.82 3.95 -4.48
C ALA A 48 -5.74 5.46 -4.59
N GLU A 49 -6.90 6.09 -4.69
CA GLU A 49 -6.95 7.53 -4.77
C GLU A 49 -6.30 8.10 -3.52
N ASP A 50 -6.56 7.45 -2.39
CA ASP A 50 -5.98 7.86 -1.12
C ASP A 50 -4.47 7.65 -1.14
N CYS A 51 -4.03 6.51 -1.67
CA CYS A 51 -2.60 6.21 -1.75
C CYS A 51 -1.91 7.25 -2.64
N LEU A 52 -2.36 7.35 -3.87
CA LEU A 52 -1.80 8.29 -4.84
C LEU A 52 -1.80 9.72 -4.30
N ARG A 53 -2.89 10.14 -3.69
CA ARG A 53 -2.99 11.49 -3.14
C ARG A 53 -1.91 11.74 -2.10
N THR A 54 -1.79 10.84 -1.14
CA THR A 54 -0.80 10.96 -0.07
C THR A 54 0.59 10.56 -0.54
N CYS A 55 0.74 9.31 -0.94
CA CYS A 55 2.03 8.79 -1.37
C CYS A 55 2.43 9.30 -2.76
N GLY A 56 1.46 9.35 -3.68
CA GLY A 56 1.76 9.82 -5.02
C GLY A 56 2.07 11.30 -5.07
N GLY A 57 1.05 12.12 -5.32
CA GLY A 57 1.23 13.56 -5.38
C GLY A 57 1.76 14.13 -4.07
N ALA A 58 3.08 14.19 -3.95
CA ALA A 58 3.70 14.72 -2.74
C ALA A 58 3.62 16.25 -2.71
N ARG A 1 9.43 11.97 -2.99
CA ARG A 1 8.48 10.90 -2.58
C ARG A 1 8.46 10.73 -1.06
N PRO A 2 7.27 10.72 -0.43
CA PRO A 2 7.15 10.55 1.02
C PRO A 2 7.90 9.32 1.51
N ASP A 3 8.68 9.49 2.58
CA ASP A 3 9.48 8.41 3.15
C ASP A 3 8.69 7.12 3.34
N PHE A 4 7.54 7.20 4.00
CA PHE A 4 6.74 6.00 4.26
C PHE A 4 6.47 5.20 2.98
N CYS A 5 6.56 5.87 1.84
CA CYS A 5 6.36 5.22 0.55
C CYS A 5 7.32 4.07 0.38
N LEU A 6 8.40 4.11 1.15
CA LEU A 6 9.43 3.08 1.09
C LEU A 6 9.03 1.86 1.92
N GLU A 7 8.07 2.04 2.83
CA GLU A 7 7.60 0.95 3.69
C GLU A 7 6.71 -0.02 2.92
N PRO A 8 7.18 -1.26 2.68
CA PRO A 8 6.42 -2.28 1.97
C PRO A 8 5.63 -3.19 2.92
N PRO A 9 4.58 -3.85 2.40
CA PRO A 9 3.76 -4.77 3.20
C PRO A 9 4.47 -6.09 3.47
N TYR A 10 3.70 -7.10 3.86
CA TYR A 10 4.25 -8.41 4.15
C TYR A 10 3.23 -9.52 3.86
N ALA A 11 3.71 -10.66 3.38
CA ALA A 11 2.86 -11.79 3.05
C ALA A 11 3.09 -12.94 4.03
N GLY A 12 2.06 -13.25 4.81
CA GLY A 12 2.17 -14.32 5.79
C GLY A 12 1.32 -14.08 7.02
N ALA A 13 0.66 -15.12 7.50
CA ALA A 13 -0.19 -14.99 8.68
C ALA A 13 -1.33 -14.01 8.41
N CYS A 14 -1.95 -14.15 7.24
CA CYS A 14 -3.04 -13.28 6.85
C CYS A 14 -3.84 -13.92 5.72
N ARG A 15 -4.91 -13.26 5.29
CA ARG A 15 -5.77 -13.80 4.22
C ARG A 15 -6.37 -12.68 3.38
N ALA A 16 -7.29 -13.05 2.50
CA ALA A 16 -7.94 -12.10 1.61
C ALA A 16 -8.90 -11.18 2.38
N ALA A 17 -8.60 -9.90 2.36
CA ALA A 17 -9.41 -8.91 3.02
C ALA A 17 -9.13 -7.53 2.45
N ALA A 18 -9.38 -7.37 1.15
CA ALA A 18 -9.14 -6.10 0.48
C ALA A 18 -10.04 -5.01 1.01
N ALA A 19 -9.47 -3.83 1.22
CA ALA A 19 -10.21 -2.69 1.74
C ALA A 19 -9.45 -1.38 1.51
N ARG A 20 -8.13 -1.45 1.70
CA ARG A 20 -7.28 -0.26 1.52
C ARG A 20 -6.21 -0.52 0.47
N TYR A 21 -5.36 0.48 0.26
CA TYR A 21 -4.27 0.38 -0.72
C TYR A 21 -2.95 0.82 -0.12
N PHE A 22 -1.86 0.53 -0.82
CA PHE A 22 -0.53 0.93 -0.36
C PHE A 22 0.34 1.31 -1.55
N TYR A 23 1.31 2.18 -1.29
CA TYR A 23 2.21 2.64 -2.34
C TYR A 23 3.40 1.70 -2.49
N ASN A 24 3.83 1.51 -3.73
CA ASN A 24 4.97 0.63 -4.02
C ASN A 24 6.14 1.43 -4.58
N ALA A 25 7.13 1.69 -3.74
CA ALA A 25 8.30 2.47 -4.15
C ALA A 25 9.01 1.84 -5.36
N LYS A 26 8.87 0.53 -5.51
CA LYS A 26 9.51 -0.19 -6.60
C LYS A 26 8.64 -0.21 -7.87
N ALA A 27 7.37 0.15 -7.74
CA ALA A 27 6.46 0.16 -8.88
C ALA A 27 5.98 1.57 -9.22
N GLY A 28 6.21 2.50 -8.29
CA GLY A 28 5.80 3.87 -8.51
C GLY A 28 4.30 4.09 -8.37
N LEU A 29 3.55 3.01 -8.21
CA LEU A 29 2.09 3.09 -8.07
C LEU A 29 1.63 2.34 -6.84
N CYS A 30 0.32 2.41 -6.57
CA CYS A 30 -0.25 1.73 -5.40
C CYS A 30 -0.93 0.44 -5.80
N GLN A 31 -1.26 -0.36 -4.80
CA GLN A 31 -1.94 -1.63 -5.03
C GLN A 31 -2.78 -2.04 -3.83
N THR A 32 -3.92 -2.68 -4.12
CA THR A 32 -4.81 -3.15 -3.06
C THR A 32 -4.28 -4.45 -2.46
N PHE A 33 -4.50 -4.63 -1.17
CA PHE A 33 -4.06 -5.83 -0.47
C PHE A 33 -4.66 -7.09 -1.09
N ALA A 34 -3.81 -8.10 -1.29
CA ALA A 34 -4.25 -9.37 -1.86
C ALA A 34 -3.21 -10.46 -1.63
N TYR A 35 -3.55 -11.70 -1.96
CA TYR A 35 -2.64 -12.82 -1.79
C TYR A 35 -2.15 -12.89 -0.33
N GLY A 36 -3.09 -13.09 0.57
CA GLY A 36 -2.78 -13.18 1.98
C GLY A 36 -1.97 -12.02 2.52
N ALA A 37 -1.72 -11.00 1.71
CA ALA A 37 -0.96 -9.83 2.17
C ALA A 37 -1.70 -9.10 3.27
N CYS A 38 -1.03 -8.90 4.41
CA CYS A 38 -1.61 -8.20 5.54
C CYS A 38 -1.46 -6.69 5.42
N ALA A 39 -2.08 -5.97 6.36
CA ALA A 39 -2.02 -4.52 6.38
C ALA A 39 -0.63 -4.02 6.80
N ALA A 40 -0.06 -3.11 6.01
CA ALA A 40 1.24 -2.55 6.32
C ALA A 40 1.14 -1.58 7.50
N LYS A 41 2.30 -1.23 8.06
CA LYS A 41 2.31 -0.30 9.20
C LYS A 41 1.75 1.07 8.81
N ARG A 42 2.59 1.90 8.18
CA ARG A 42 2.18 3.24 7.78
C ARG A 42 1.68 3.27 6.34
N ASN A 43 2.12 2.31 5.54
CA ASN A 43 1.74 2.26 4.14
C ASN A 43 0.31 1.75 3.99
N ASN A 44 -0.65 2.64 4.22
CA ASN A 44 -2.06 2.27 4.15
C ASN A 44 -2.94 3.49 3.85
N PHE A 45 -3.43 3.60 2.61
CA PHE A 45 -4.29 4.71 2.24
C PHE A 45 -5.74 4.24 2.17
N LYS A 46 -6.66 5.08 2.63
CA LYS A 46 -8.07 4.72 2.65
C LYS A 46 -8.60 4.46 1.24
N SER A 47 -7.85 4.88 0.22
CA SER A 47 -8.27 4.68 -1.16
C SER A 47 -7.10 4.92 -2.11
N ALA A 48 -7.16 4.29 -3.28
CA ALA A 48 -6.12 4.47 -4.28
C ALA A 48 -6.01 5.94 -4.62
N GLU A 49 -7.16 6.61 -4.68
CA GLU A 49 -7.18 8.03 -4.95
C GLU A 49 -6.40 8.73 -3.85
N ASP A 50 -6.54 8.20 -2.63
CA ASP A 50 -5.84 8.74 -1.48
C ASP A 50 -4.33 8.51 -1.62
N CYS A 51 -3.94 7.27 -1.93
CA CYS A 51 -2.53 6.95 -2.08
C CYS A 51 -1.91 7.75 -3.22
N LEU A 52 -2.50 7.63 -4.41
CA LEU A 52 -2.01 8.35 -5.57
C LEU A 52 -1.86 9.84 -5.28
N ARG A 53 -2.91 10.46 -4.77
CA ARG A 53 -2.87 11.88 -4.44
C ARG A 53 -1.75 12.17 -3.45
N THR A 54 -1.51 11.23 -2.54
CA THR A 54 -0.47 11.40 -1.52
C THR A 54 0.91 11.07 -2.08
N CYS A 55 1.17 9.80 -2.34
CA CYS A 55 2.47 9.39 -2.85
C CYS A 55 2.49 9.23 -4.37
N GLY A 56 1.33 9.03 -4.97
CA GLY A 56 1.26 8.87 -6.42
C GLY A 56 2.03 9.94 -7.17
N GLY A 57 3.25 9.59 -7.59
CA GLY A 57 4.08 10.54 -8.32
C GLY A 57 4.73 9.91 -9.53
N ALA A 58 5.68 10.62 -10.13
CA ALA A 58 6.38 10.14 -11.32
C ALA A 58 5.41 9.53 -12.33
N ARG A 1 10.05 11.42 -2.06
CA ARG A 1 8.87 10.57 -1.79
C ARG A 1 8.75 10.26 -0.29
N PRO A 2 7.51 10.13 0.21
CA PRO A 2 7.27 9.84 1.63
C PRO A 2 7.87 8.49 2.03
N ASP A 3 8.54 8.46 3.17
CA ASP A 3 9.18 7.25 3.68
C ASP A 3 8.26 6.03 3.65
N PHE A 4 7.13 6.13 4.34
CA PHE A 4 6.18 5.01 4.42
C PHE A 4 5.86 4.44 3.04
N CYS A 5 6.00 5.24 2.00
CA CYS A 5 5.71 4.79 0.65
C CYS A 5 6.61 3.62 0.28
N LEU A 6 7.78 3.58 0.92
CA LEU A 6 8.75 2.51 0.67
C LEU A 6 8.42 1.27 1.50
N GLU A 7 7.52 1.42 2.47
CA GLU A 7 7.13 0.32 3.34
C GLU A 7 6.25 -0.68 2.60
N PRO A 8 6.75 -1.92 2.41
CA PRO A 8 6.00 -2.98 1.73
C PRO A 8 5.22 -3.86 2.70
N PRO A 9 4.13 -4.48 2.24
CA PRO A 9 3.31 -5.35 3.08
C PRO A 9 3.94 -6.73 3.26
N TYR A 10 3.72 -7.33 4.43
CA TYR A 10 4.25 -8.65 4.71
C TYR A 10 3.32 -9.73 4.16
N ALA A 11 3.88 -10.68 3.41
CA ALA A 11 3.09 -11.76 2.83
C ALA A 11 3.18 -13.02 3.67
N GLY A 12 2.27 -13.12 4.64
CA GLY A 12 2.27 -14.29 5.52
C GLY A 12 1.67 -14.00 6.87
N ALA A 13 1.11 -15.02 7.50
CA ALA A 13 0.50 -14.87 8.81
C ALA A 13 -0.63 -13.84 8.77
N CYS A 14 -1.37 -13.84 7.67
CA CYS A 14 -2.47 -12.91 7.49
C CYS A 14 -3.40 -13.39 6.37
N ARG A 15 -4.62 -12.86 6.33
CA ARG A 15 -5.58 -13.27 5.32
C ARG A 15 -6.68 -12.22 5.14
N ALA A 16 -6.99 -11.90 3.88
CA ALA A 16 -8.02 -10.93 3.56
C ALA A 16 -7.63 -9.52 4.00
N ALA A 17 -7.54 -8.61 3.03
CA ALA A 17 -7.19 -7.23 3.29
C ALA A 17 -7.59 -6.34 2.13
N ALA A 18 -8.80 -6.56 1.62
CA ALA A 18 -9.32 -5.80 0.50
C ALA A 18 -9.60 -4.35 0.89
N ALA A 19 -10.29 -3.65 -0.02
CA ALA A 19 -10.65 -2.25 0.20
C ALA A 19 -9.47 -1.42 0.69
N ARG A 20 -8.25 -1.86 0.37
CA ARG A 20 -7.05 -1.14 0.78
C ARG A 20 -5.98 -1.19 -0.31
N TYR A 21 -5.06 -0.24 -0.25
CA TYR A 21 -3.99 -0.16 -1.23
C TYR A 21 -2.67 0.25 -0.57
N PHE A 22 -1.60 0.19 -1.36
CA PHE A 22 -0.27 0.58 -0.89
C PHE A 22 0.56 1.10 -2.03
N TYR A 23 1.55 1.91 -1.72
CA TYR A 23 2.42 2.48 -2.76
C TYR A 23 3.52 1.51 -3.14
N ASN A 24 3.78 1.42 -4.44
CA ASN A 24 4.81 0.54 -4.96
C ASN A 24 6.04 1.34 -5.39
N ALA A 25 6.98 1.52 -4.46
CA ALA A 25 8.20 2.28 -4.74
C ALA A 25 8.91 1.76 -5.99
N LYS A 26 8.66 0.51 -6.34
CA LYS A 26 9.28 -0.11 -7.50
C LYS A 26 8.44 0.06 -8.77
N ALA A 27 7.28 0.71 -8.64
CA ALA A 27 6.40 0.91 -9.81
C ALA A 27 5.80 2.32 -9.85
N GLY A 28 6.07 3.13 -8.82
CA GLY A 28 5.57 4.47 -8.78
C GLY A 28 4.07 4.60 -8.56
N LEU A 29 3.35 3.48 -8.59
CA LEU A 29 1.90 3.50 -8.40
C LEU A 29 1.47 2.61 -7.24
N CYS A 30 0.19 2.70 -6.87
CA CYS A 30 -0.34 1.88 -5.78
C CYS A 30 -1.13 0.70 -6.31
N GLN A 31 -1.36 -0.27 -5.43
CA GLN A 31 -2.12 -1.47 -5.78
C GLN A 31 -2.87 -2.00 -4.56
N THR A 32 -3.88 -2.83 -4.82
CA THR A 32 -4.67 -3.44 -3.75
C THR A 32 -3.89 -4.55 -3.07
N PHE A 33 -4.25 -4.85 -1.82
CA PHE A 33 -3.58 -5.90 -1.06
C PHE A 33 -3.97 -7.28 -1.57
N ALA A 34 -3.10 -7.86 -2.40
CA ALA A 34 -3.34 -9.19 -2.94
C ALA A 34 -3.04 -10.26 -1.89
N TYR A 35 -3.53 -11.48 -2.15
CA TYR A 35 -3.31 -12.59 -1.22
C TYR A 35 -3.47 -12.15 0.22
N GLY A 36 -3.09 -13.02 1.13
CA GLY A 36 -3.19 -12.73 2.55
C GLY A 36 -2.29 -11.59 3.01
N ALA A 37 -1.98 -10.63 2.15
CA ALA A 37 -1.14 -9.50 2.56
C ALA A 37 -1.86 -8.63 3.57
N CYS A 38 -1.20 -8.36 4.70
CA CYS A 38 -1.79 -7.54 5.75
C CYS A 38 -1.58 -6.06 5.48
N ALA A 39 -2.34 -5.22 6.19
CA ALA A 39 -2.24 -3.77 6.04
C ALA A 39 -0.94 -3.24 6.64
N ALA A 40 -0.31 -2.33 5.90
CA ALA A 40 0.94 -1.73 6.36
C ALA A 40 0.70 -0.81 7.55
N LYS A 41 1.72 -0.66 8.39
CA LYS A 41 1.63 0.18 9.58
C LYS A 41 1.35 1.64 9.22
N ARG A 42 2.31 2.28 8.55
CA ARG A 42 2.18 3.68 8.18
C ARG A 42 1.51 3.87 6.82
N ASN A 43 2.03 3.21 5.79
CA ASN A 43 1.49 3.33 4.45
C ASN A 43 0.33 2.37 4.24
N ASN A 44 -0.89 2.89 4.41
CA ASN A 44 -2.10 2.09 4.25
C ASN A 44 -3.29 2.98 3.94
N PHE A 45 -3.60 3.13 2.65
CA PHE A 45 -4.72 3.96 2.23
C PHE A 45 -5.91 3.11 1.83
N LYS A 46 -7.07 3.42 2.40
CA LYS A 46 -8.29 2.68 2.09
C LYS A 46 -8.66 2.85 0.61
N SER A 47 -8.03 3.81 -0.05
CA SER A 47 -8.30 4.06 -1.46
C SER A 47 -7.02 4.40 -2.22
N ALA A 48 -6.93 3.92 -3.44
CA ALA A 48 -5.77 4.18 -4.26
C ALA A 48 -5.62 5.67 -4.52
N GLU A 49 -6.75 6.34 -4.72
CA GLU A 49 -6.74 7.77 -4.94
C GLU A 49 -6.10 8.45 -3.74
N ASP A 50 -6.39 7.91 -2.56
CA ASP A 50 -5.83 8.43 -1.32
C ASP A 50 -4.32 8.19 -1.30
N CYS A 51 -3.89 6.98 -1.70
CA CYS A 51 -2.47 6.65 -1.72
C CYS A 51 -1.74 7.58 -2.69
N LEU A 52 -2.20 7.61 -3.92
CA LEU A 52 -1.60 8.46 -4.95
C LEU A 52 -1.50 9.91 -4.48
N ARG A 53 -2.57 10.40 -3.86
CA ARG A 53 -2.57 11.78 -3.37
C ARG A 53 -1.42 12.00 -2.40
N THR A 54 -1.27 11.10 -1.44
CA THR A 54 -0.21 11.20 -0.44
C THR A 54 1.13 10.72 -0.99
N CYS A 55 1.18 9.43 -1.34
CA CYS A 55 2.41 8.82 -1.85
C CYS A 55 2.74 9.27 -3.27
N GLY A 56 1.73 9.31 -4.15
CA GLY A 56 1.96 9.71 -5.52
C GLY A 56 2.60 11.09 -5.63
N GLY A 57 1.88 12.12 -5.22
CA GLY A 57 2.41 13.47 -5.28
C GLY A 57 3.63 13.64 -4.40
N ALA A 58 3.46 14.31 -3.27
CA ALA A 58 4.55 14.57 -2.33
C ALA A 58 5.45 15.69 -2.84
N ARG A 1 8.28 11.81 -3.01
CA ARG A 1 8.29 10.44 -2.44
C ARG A 1 8.39 10.47 -0.92
N PRO A 2 7.24 10.44 -0.23
CA PRO A 2 7.22 10.47 1.24
C PRO A 2 7.99 9.32 1.85
N ASP A 3 8.51 9.53 3.06
CA ASP A 3 9.29 8.50 3.75
C ASP A 3 8.57 7.15 3.75
N PHE A 4 7.39 7.10 4.36
CA PHE A 4 6.62 5.87 4.43
C PHE A 4 6.39 5.28 3.05
N CYS A 5 6.46 6.13 2.02
CA CYS A 5 6.28 5.68 0.65
C CYS A 5 7.34 4.64 0.30
N LEU A 6 8.42 4.64 1.05
CA LEU A 6 9.50 3.69 0.84
C LEU A 6 9.17 2.35 1.50
N GLU A 7 8.20 2.37 2.41
CA GLU A 7 7.79 1.16 3.12
C GLU A 7 7.01 0.22 2.19
N PRO A 8 7.56 -0.96 1.89
CA PRO A 8 6.92 -1.94 1.02
C PRO A 8 5.93 -2.83 1.78
N PRO A 9 4.95 -3.41 1.07
CA PRO A 9 3.96 -4.29 1.68
C PRO A 9 4.46 -5.72 1.76
N TYR A 10 3.68 -6.60 2.37
CA TYR A 10 4.07 -8.00 2.50
C TYR A 10 2.85 -8.91 2.67
N ALA A 11 3.00 -10.13 2.19
CA ALA A 11 1.92 -11.13 2.29
C ALA A 11 2.38 -12.30 3.14
N GLY A 12 1.85 -12.41 4.35
CA GLY A 12 2.24 -13.49 5.23
C GLY A 12 1.11 -13.99 6.11
N ALA A 13 1.27 -13.82 7.42
CA ALA A 13 0.29 -14.29 8.38
C ALA A 13 -0.96 -13.40 8.40
N CYS A 14 -1.82 -13.59 7.41
CA CYS A 14 -3.07 -12.84 7.30
C CYS A 14 -4.04 -13.58 6.39
N ARG A 15 -5.23 -13.02 6.22
CA ARG A 15 -6.25 -13.65 5.38
C ARG A 15 -7.26 -12.63 4.86
N ALA A 16 -7.12 -12.27 3.59
CA ALA A 16 -8.02 -11.31 2.96
C ALA A 16 -7.93 -9.93 3.62
N ALA A 17 -7.77 -8.91 2.80
CA ALA A 17 -7.68 -7.55 3.27
C ALA A 17 -7.95 -6.57 2.15
N ALA A 18 -9.00 -6.85 1.39
CA ALA A 18 -9.39 -5.99 0.27
C ALA A 18 -9.91 -4.65 0.76
N ALA A 19 -10.40 -3.84 -0.17
CA ALA A 19 -10.92 -2.52 0.15
C ALA A 19 -9.81 -1.58 0.58
N ARG A 20 -8.57 -1.94 0.29
CA ARG A 20 -7.43 -1.11 0.64
C ARG A 20 -6.35 -1.14 -0.44
N TYR A 21 -5.41 -0.22 -0.33
CA TYR A 21 -4.32 -0.13 -1.28
C TYR A 21 -2.99 0.15 -0.60
N PHE A 22 -1.90 -0.01 -1.34
CA PHE A 22 -0.57 0.25 -0.81
C PHE A 22 0.35 0.73 -1.91
N TYR A 23 1.27 1.61 -1.56
CA TYR A 23 2.22 2.15 -2.53
C TYR A 23 3.40 1.21 -2.72
N ASN A 24 3.73 0.94 -3.97
CA ASN A 24 4.85 0.06 -4.31
C ASN A 24 6.07 0.88 -4.73
N ALA A 25 6.99 1.08 -3.80
CA ALA A 25 8.20 1.85 -4.07
C ALA A 25 8.94 1.31 -5.29
N LYS A 26 8.87 0.00 -5.49
CA LYS A 26 9.53 -0.65 -6.62
C LYS A 26 8.69 -0.57 -7.89
N ALA A 27 7.54 0.11 -7.84
CA ALA A 27 6.67 0.23 -9.00
C ALA A 27 6.10 1.64 -9.16
N GLY A 28 6.39 2.52 -8.22
CA GLY A 28 5.92 3.90 -8.30
C GLY A 28 4.42 4.07 -8.18
N LEU A 29 3.68 2.96 -8.16
CA LEU A 29 2.22 3.04 -8.05
C LEU A 29 1.70 2.18 -6.90
N CYS A 30 0.41 2.29 -6.61
CA CYS A 30 -0.19 1.52 -5.52
C CYS A 30 -0.86 0.26 -6.05
N GLN A 31 -1.22 -0.63 -5.13
CA GLN A 31 -1.87 -1.88 -5.49
C GLN A 31 -2.86 -2.33 -4.42
N THR A 32 -3.87 -3.10 -4.84
CA THR A 32 -4.88 -3.62 -3.95
C THR A 32 -4.36 -4.81 -3.15
N PHE A 33 -4.64 -4.82 -1.85
CA PHE A 33 -4.22 -5.93 -1.00
C PHE A 33 -4.89 -7.21 -1.48
N ALA A 34 -4.43 -8.35 -1.00
CA ALA A 34 -4.99 -9.62 -1.41
C ALA A 34 -4.51 -10.79 -0.54
N TYR A 35 -4.48 -11.99 -1.12
CA TYR A 35 -4.06 -13.20 -0.39
C TYR A 35 -2.88 -12.95 0.56
N GLY A 36 -3.10 -13.23 1.84
CA GLY A 36 -2.08 -13.09 2.84
C GLY A 36 -1.42 -11.73 2.92
N ALA A 37 -1.79 -10.81 2.03
CA ALA A 37 -1.20 -9.47 2.05
C ALA A 37 -1.62 -8.71 3.30
N CYS A 38 -0.69 -8.55 4.23
CA CYS A 38 -0.96 -7.85 5.47
C CYS A 38 -0.84 -6.34 5.31
N ALA A 39 -1.69 -5.60 6.01
CA ALA A 39 -1.68 -4.15 5.96
C ALA A 39 -0.44 -3.57 6.64
N ALA A 40 0.15 -2.56 6.03
CA ALA A 40 1.33 -1.92 6.59
C ALA A 40 0.95 -0.80 7.54
N LYS A 41 1.91 -0.36 8.35
CA LYS A 41 1.66 0.71 9.31
C LYS A 41 1.24 2.00 8.60
N ARG A 42 2.20 2.63 7.92
CA ARG A 42 1.92 3.86 7.20
C ARG A 42 1.40 3.58 5.80
N ASN A 43 1.97 2.56 5.16
CA ASN A 43 1.61 2.19 3.81
C ASN A 43 0.26 1.48 3.80
N ASN A 44 -0.80 2.24 4.09
CA ASN A 44 -2.14 1.69 4.12
C ASN A 44 -3.19 2.78 3.87
N PHE A 45 -3.59 2.95 2.61
CA PHE A 45 -4.57 3.95 2.25
C PHE A 45 -5.91 3.29 1.92
N LYS A 46 -6.99 3.85 2.45
CA LYS A 46 -8.33 3.32 2.24
C LYS A 46 -8.73 3.34 0.77
N SER A 47 -7.97 4.07 -0.06
CA SER A 47 -8.27 4.15 -1.48
C SER A 47 -7.02 4.50 -2.28
N ALA A 48 -6.97 4.03 -3.53
CA ALA A 48 -5.84 4.33 -4.39
C ALA A 48 -5.68 5.83 -4.53
N GLU A 49 -6.80 6.53 -4.63
CA GLU A 49 -6.77 7.98 -4.72
C GLU A 49 -6.10 8.52 -3.46
N ASP A 50 -6.40 7.87 -2.34
CA ASP A 50 -5.81 8.24 -1.06
C ASP A 50 -4.32 7.96 -1.05
N CYS A 51 -3.92 6.80 -1.59
CA CYS A 51 -2.51 6.44 -1.64
C CYS A 51 -1.76 7.42 -2.54
N LEU A 52 -2.18 7.48 -3.80
CA LEU A 52 -1.57 8.37 -4.78
C LEU A 52 -1.51 9.81 -4.25
N ARG A 53 -2.60 10.25 -3.62
CA ARG A 53 -2.66 11.61 -3.09
C ARG A 53 -1.55 11.86 -2.08
N THR A 54 -1.45 10.97 -1.10
CA THR A 54 -0.44 11.09 -0.05
C THR A 54 0.91 10.60 -0.53
N CYS A 55 0.97 9.33 -0.91
CA CYS A 55 2.21 8.71 -1.37
C CYS A 55 2.65 9.26 -2.72
N GLY A 56 1.72 9.33 -3.66
CA GLY A 56 2.04 9.82 -5.00
C GLY A 56 3.32 9.23 -5.54
N GLY A 57 3.84 9.80 -6.63
CA GLY A 57 5.07 9.30 -7.22
C GLY A 57 5.54 10.14 -8.39
N ALA A 58 6.65 9.75 -8.99
CA ALA A 58 7.22 10.47 -10.13
C ALA A 58 7.76 11.83 -9.70
#